data_2P72
#
_entry.id   2P72
#
_cell.length_a   126.448
_cell.length_b   61.776
_cell.length_c   76.091
_cell.angle_alpha   90.00
_cell.angle_beta   126.56
_cell.angle_gamma   90.00
#
_symmetry.space_group_name_H-M   'C 1 2 1'
#
loop_
_entity.id
_entity.type
_entity.pdbx_description
1 polymer 'Putative glycosyltransferase (Mannosyltransferase) involved in glycosylating the PBCV-1 major capsid protein'
2 non-polymer 'MANGANESE (II) ION'
3 non-polymer "URIDINE-5'-DIPHOSPHATE-GLUCOSE"
4 water water
#
_entity_poly.entity_id   1
_entity_poly.type   'polypeptide(L)'
_entity_poly.pdbx_seq_one_letter_code
;ASMTTPCITILSGHFPKETIYARKTKELVEEYCSIHGYNFYYEESEPLETEEHALHFRRSWIIQQAAEKFPSTEWFLWLD
SDVYVNPKNKNKPITSFIDLSDPNILYHTFHEAPWGSYPINTGVKFVHKDALEIEKIVWSLRNEAPWNTFPYEQKTVYEY
VFPRIPGRYIVHDPYTLNCIVKAYPEHVKDALFVHMCGTSRAERDEHMEMVAT
;
_entity_poly.pdbx_strand_id   A,B
#
# COMPACT_ATOMS: atom_id res chain seq x y z
N PRO A 6 -17.40 1.85 -6.70
CA PRO A 6 -16.20 1.06 -6.98
C PRO A 6 -15.03 1.44 -6.09
N CYS A 7 -14.00 0.62 -6.15
CA CYS A 7 -12.75 0.89 -5.47
C CYS A 7 -11.96 2.00 -6.17
N ILE A 8 -11.80 3.13 -5.49
CA ILE A 8 -11.11 4.29 -6.02
C ILE A 8 -9.79 4.47 -5.28
N THR A 9 -8.75 4.78 -6.04
CA THR A 9 -7.48 5.22 -5.51
C THR A 9 -7.24 6.61 -6.06
N ILE A 10 -7.14 7.58 -5.18
CA ILE A 10 -6.77 8.94 -5.56
C ILE A 10 -5.26 9.07 -5.46
N LEU A 11 -4.63 9.62 -6.51
CA LEU A 11 -3.15 9.73 -6.48
C LEU A 11 -2.75 11.15 -6.81
N SER A 12 -1.62 11.58 -6.27
CA SER A 12 -1.13 12.90 -6.56
C SER A 12 0.35 12.89 -6.22
N GLY A 13 1.00 14.03 -6.42
CA GLY A 13 2.43 14.12 -6.13
C GLY A 13 2.85 15.57 -6.19
N HIS A 14 3.86 15.88 -5.38
CA HIS A 14 4.49 17.17 -5.34
C HIS A 14 5.83 17.00 -4.61
N PHE A 15 6.91 17.48 -5.22
CA PHE A 15 8.19 17.56 -4.50
C PHE A 15 8.49 19.02 -4.11
N THR A 19 6.53 23.37 0.43
CA THR A 19 5.42 24.10 -0.24
C THR A 19 4.17 24.03 0.62
N ILE A 20 3.74 25.18 1.15
CA ILE A 20 2.57 25.20 2.02
C ILE A 20 1.30 24.72 1.28
N TYR A 21 0.92 25.40 0.20
CA TYR A 21 -0.32 25.08 -0.51
C TYR A 21 -0.40 23.59 -0.86
N ALA A 22 0.70 23.02 -1.33
CA ALA A 22 0.77 21.60 -1.73
C ALA A 22 0.65 20.61 -0.57
N ARG A 23 1.11 21.02 0.61
CA ARG A 23 0.88 20.24 1.82
C ARG A 23 -0.59 20.34 2.25
N LYS A 24 -1.18 21.53 2.13
CA LYS A 24 -2.57 21.77 2.51
C LYS A 24 -3.54 21.02 1.62
N THR A 25 -3.32 21.06 0.30
CA THR A 25 -4.13 20.27 -0.65
C THR A 25 -3.98 18.78 -0.38
N LYS A 26 -2.75 18.33 -0.10
CA LYS A 26 -2.48 16.94 0.27
C LYS A 26 -3.36 16.52 1.46
N GLU A 27 -3.28 17.29 2.55
CA GLU A 27 -4.07 17.08 3.76
C GLU A 27 -5.55 16.86 3.44
N LEU A 28 -6.12 17.79 2.69
CA LEU A 28 -7.54 17.73 2.36
C LEU A 28 -7.91 16.52 1.54
N VAL A 29 -7.09 16.18 0.56
CA VAL A 29 -7.35 15.01 -0.27
C VAL A 29 -7.21 13.74 0.57
N GLU A 30 -6.16 13.73 1.39
CA GLU A 30 -5.87 12.61 2.29
C GLU A 30 -7.04 12.43 3.24
N GLU A 31 -7.54 13.53 3.79
CA GLU A 31 -8.72 13.52 4.65
C GLU A 31 -9.94 13.00 3.89
N TYR A 32 -10.19 13.55 2.72
CA TYR A 32 -11.31 13.14 1.86
C TYR A 32 -11.32 11.61 1.58
N CYS A 33 -10.16 11.04 1.26
CA CYS A 33 -10.06 9.58 1.06
C CYS A 33 -10.42 8.80 2.32
N SER A 34 -9.93 9.31 3.46
CA SER A 34 -10.18 8.69 4.75
C SER A 34 -11.68 8.68 5.08
N ILE A 35 -12.36 9.78 4.77
CA ILE A 35 -13.81 9.86 4.97
C ILE A 35 -14.57 8.78 4.19
N HIS A 36 -14.23 8.62 2.91
CA HIS A 36 -15.02 7.77 2.01
C HIS A 36 -14.47 6.39 1.72
N GLY A 37 -13.33 6.05 2.31
CA GLY A 37 -12.75 4.73 2.13
C GLY A 37 -12.00 4.57 0.82
N TYR A 38 -11.48 5.67 0.29
CA TYR A 38 -10.65 5.62 -0.91
C TYR A 38 -9.18 5.40 -0.53
N ASN A 39 -8.44 4.75 -1.42
CA ASN A 39 -6.99 4.61 -1.24
C ASN A 39 -6.33 5.93 -1.64
N PHE A 40 -5.23 6.25 -0.99
CA PHE A 40 -4.55 7.50 -1.26
C PHE A 40 -3.11 7.19 -1.57
N TYR A 41 -2.65 7.55 -2.77
CA TYR A 41 -1.23 7.41 -3.09
C TYR A 41 -0.63 8.77 -3.40
N TYR A 42 0.48 9.07 -2.76
CA TYR A 42 1.14 10.36 -2.93
C TYR A 42 2.62 10.20 -3.23
N GLU A 43 3.02 10.67 -4.40
CA GLU A 43 4.44 10.66 -4.74
C GLU A 43 5.16 11.84 -4.08
N GLU A 44 5.78 11.56 -2.94
CA GLU A 44 6.58 12.53 -2.20
C GLU A 44 8.01 12.53 -2.73
N SER A 45 8.27 11.62 -3.67
CA SER A 45 9.60 11.38 -4.21
C SER A 45 10.15 12.52 -5.08
N GLU A 46 11.46 12.49 -5.34
CA GLU A 46 12.09 13.45 -6.25
C GLU A 46 12.24 12.88 -7.67
N PRO A 47 11.81 13.66 -8.70
CA PRO A 47 11.84 13.16 -10.08
C PRO A 47 13.25 13.09 -10.65
N LEU A 48 13.56 11.95 -11.28
CA LEU A 48 14.81 11.74 -12.02
C LEU A 48 14.91 12.68 -13.22
N GLU A 49 13.79 12.85 -13.92
CA GLU A 49 13.70 13.68 -15.12
C GLU A 49 12.99 14.97 -14.75
N THR A 50 13.73 16.07 -14.81
CA THR A 50 13.26 17.35 -14.24
C THR A 50 12.96 18.45 -15.27
N GLU A 51 13.04 18.13 -16.56
CA GLU A 51 12.64 19.09 -17.60
C GLU A 51 11.14 19.36 -17.52
N GLU A 52 10.69 20.46 -18.12
CA GLU A 52 9.27 20.88 -18.05
C GLU A 52 8.30 19.84 -18.62
N HIS A 53 8.62 19.27 -19.77
CA HIS A 53 7.72 18.27 -20.37
C HIS A 53 7.63 17.01 -19.51
N ALA A 54 8.77 16.57 -18.96
CA ALA A 54 8.84 15.30 -18.24
C ALA A 54 8.07 15.36 -16.92
N LEU A 55 8.07 16.53 -16.29
CA LEU A 55 7.32 16.77 -15.04
C LEU A 55 5.83 16.75 -15.29
N HIS A 56 5.40 17.31 -16.42
CA HIS A 56 4.01 17.19 -16.77
C HIS A 56 3.60 15.74 -17.07
N PHE A 57 4.50 14.98 -17.70
CA PHE A 57 4.22 13.58 -18.02
C PHE A 57 4.28 12.69 -16.77
N ARG A 58 4.89 13.19 -15.70
CA ARG A 58 5.17 12.33 -14.54
C ARG A 58 3.94 11.68 -13.94
N ARG A 59 2.80 12.31 -14.08
CA ARG A 59 1.55 11.72 -13.62
C ARG A 59 1.30 10.32 -14.20
N SER A 60 1.88 10.04 -15.37
CA SER A 60 1.63 8.77 -16.06
C SER A 60 2.59 7.70 -15.55
N TRP A 61 3.67 8.15 -14.91
CA TRP A 61 4.59 7.27 -14.20
C TRP A 61 4.09 7.01 -12.78
N ILE A 62 3.61 8.07 -12.11
CA ILE A 62 3.03 7.93 -10.76
C ILE A 62 1.86 6.91 -10.71
N ILE A 63 0.97 6.95 -11.69
CA ILE A 63 -0.15 6.02 -11.72
C ILE A 63 0.32 4.57 -11.69
N GLN A 64 1.44 4.31 -12.36
CA GLN A 64 2.03 2.98 -12.35
C GLN A 64 2.49 2.60 -10.92
N GLN A 65 3.01 3.57 -10.18
CA GLN A 65 3.41 3.34 -8.77
C GLN A 65 2.20 3.15 -7.86
N ALA A 66 1.14 3.91 -8.12
CA ALA A 66 -0.14 3.76 -7.40
C ALA A 66 -0.74 2.39 -7.58
N ALA A 67 -0.65 1.85 -8.80
CA ALA A 67 -1.24 0.56 -9.14
C ALA A 67 -0.47 -0.57 -8.51
N GLU A 68 0.84 -0.38 -8.34
CA GLU A 68 1.69 -1.38 -7.70
C GLU A 68 1.30 -1.50 -6.24
N LYS A 69 1.03 -0.35 -5.62
CA LYS A 69 0.67 -0.28 -4.21
C LYS A 69 -0.78 -0.72 -3.95
N PHE A 70 -1.67 -0.40 -4.89
CA PHE A 70 -3.10 -0.71 -4.75
C PHE A 70 -3.66 -1.46 -5.95
N PRO A 71 -3.26 -2.74 -6.13
CA PRO A 71 -3.65 -3.51 -7.30
C PRO A 71 -5.13 -3.89 -7.42
N SER A 72 -5.91 -3.67 -6.35
CA SER A 72 -7.31 -4.01 -6.33
C SER A 72 -8.16 -2.81 -6.83
N THR A 73 -7.49 -1.72 -7.19
CA THR A 73 -8.16 -0.52 -7.70
C THR A 73 -8.98 -0.79 -8.96
N GLU A 74 -10.21 -0.25 -8.99
CA GLU A 74 -11.01 -0.18 -10.20
C GLU A 74 -10.79 1.16 -10.92
N TRP A 75 -10.84 2.25 -10.18
CA TRP A 75 -10.66 3.58 -10.77
C TRP A 75 -9.54 4.33 -10.12
N PHE A 76 -8.59 4.82 -10.92
CA PHE A 76 -7.50 5.67 -10.44
C PHE A 76 -7.90 7.10 -10.72
N LEU A 77 -7.73 8.00 -9.74
CA LEU A 77 -8.07 9.40 -9.95
C LEU A 77 -6.82 10.26 -9.70
N TRP A 78 -6.26 10.79 -10.79
CA TRP A 78 -5.17 11.76 -10.65
C TRP A 78 -5.73 13.14 -10.31
N LEU A 79 -5.16 13.78 -9.29
CA LEU A 79 -5.44 15.19 -8.96
C LEU A 79 -4.14 15.95 -8.93
N ASP A 80 -4.07 17.09 -9.62
CA ASP A 80 -2.89 17.96 -9.46
C ASP A 80 -2.70 18.41 -8.00
N SER A 81 -1.49 18.84 -7.67
CA SER A 81 -1.21 19.26 -6.30
C SER A 81 -1.83 20.63 -6.03
N ASP A 82 -2.33 21.30 -7.07
CA ASP A 82 -3.02 22.59 -6.89
C ASP A 82 -4.55 22.47 -6.97
N VAL A 83 -5.02 21.22 -6.89
CA VAL A 83 -6.44 20.87 -6.81
C VAL A 83 -6.71 20.44 -5.37
N TYR A 84 -7.74 20.99 -4.75
CA TYR A 84 -8.16 20.51 -3.44
C TYR A 84 -9.64 20.10 -3.39
N VAL A 85 -10.04 19.48 -2.28
CA VAL A 85 -11.43 19.15 -2.02
C VAL A 85 -12.11 20.32 -1.31
N ASN A 86 -13.22 20.78 -1.91
CA ASN A 86 -14.09 21.81 -1.34
C ASN A 86 -14.67 21.37 0.01
N PRO A 87 -14.25 22.04 1.11
CA PRO A 87 -14.68 21.71 2.48
C PRO A 87 -16.19 21.49 2.63
N LYS A 88 -17.00 22.34 2.00
CA LYS A 88 -18.46 22.20 1.94
C LYS A 88 -18.93 20.80 1.52
N ASN A 89 -18.25 20.22 0.52
CA ASN A 89 -18.67 18.94 -0.06
C ASN A 89 -17.81 17.74 0.32
N LYS A 90 -16.86 17.92 1.23
CA LYS A 90 -15.97 16.83 1.64
C LYS A 90 -16.71 15.58 2.14
N ASN A 91 -17.95 15.77 2.60
CA ASN A 91 -18.75 14.66 3.07
C ASN A 91 -19.57 13.97 1.98
N LYS A 92 -19.42 14.44 0.74
CA LYS A 92 -20.08 13.79 -0.39
C LYS A 92 -19.10 12.93 -1.22
N PRO A 93 -19.47 11.65 -1.49
CA PRO A 93 -18.65 10.74 -2.28
C PRO A 93 -18.52 11.19 -3.73
N ILE A 94 -17.59 10.61 -4.45
CA ILE A 94 -17.31 11.00 -5.84
C ILE A 94 -18.49 10.58 -6.71
N THR A 95 -19.11 9.47 -6.35
CA THR A 95 -20.19 8.87 -7.10
C THR A 95 -21.47 9.70 -7.06
N SER A 96 -21.49 10.68 -6.17
CA SER A 96 -22.60 11.59 -6.13
C SER A 96 -22.42 12.72 -7.15
N PHE A 97 -21.23 12.81 -7.76
CA PHE A 97 -20.96 13.83 -8.78
C PHE A 97 -20.75 13.26 -10.19
N ILE A 98 -20.52 11.95 -10.28
CA ILE A 98 -20.21 11.29 -11.56
C ILE A 98 -20.66 9.82 -11.60
N ASP A 99 -21.16 9.39 -12.76
CA ASP A 99 -21.56 8.02 -12.97
C ASP A 99 -20.39 7.23 -13.57
N LEU A 100 -19.78 6.35 -12.76
CA LEU A 100 -18.68 5.50 -13.18
C LEU A 100 -19.12 4.08 -13.47
N SER A 101 -20.41 3.87 -13.76
CA SER A 101 -20.94 2.51 -13.89
C SER A 101 -20.75 1.86 -15.25
N ASP A 102 -20.54 2.67 -16.29
CA ASP A 102 -20.36 2.14 -17.64
C ASP A 102 -19.01 1.42 -17.78
N PRO A 103 -19.07 0.09 -18.00
CA PRO A 103 -17.87 -0.75 -17.98
C PRO A 103 -16.99 -0.57 -19.21
N ASN A 104 -17.51 0.12 -20.24
CA ASN A 104 -16.78 0.38 -21.49
C ASN A 104 -15.82 1.56 -21.38
N ILE A 105 -16.08 2.47 -20.46
CA ILE A 105 -15.33 3.72 -20.39
C ILE A 105 -13.99 3.55 -19.65
N LEU A 106 -12.92 4.07 -20.25
CA LEU A 106 -11.60 4.00 -19.66
C LEU A 106 -11.20 5.32 -19.03
N TYR A 107 -11.59 6.42 -19.68
CA TYR A 107 -11.24 7.75 -19.20
C TYR A 107 -12.49 8.59 -18.95
N HIS A 108 -12.53 9.27 -17.81
CA HIS A 108 -13.38 10.44 -17.64
C HIS A 108 -12.55 11.71 -17.51
N THR A 109 -12.65 12.58 -18.50
CA THR A 109 -11.93 13.85 -18.49
C THR A 109 -12.90 15.03 -18.50
N PHE A 110 -12.35 16.24 -18.44
CA PHE A 110 -13.16 17.45 -18.31
C PHE A 110 -12.64 18.56 -19.21
N HIS A 111 -13.56 19.25 -19.88
CA HIS A 111 -13.21 20.44 -20.66
C HIS A 111 -12.94 21.66 -19.77
N GLU A 112 -12.52 22.78 -20.39
CA GLU A 112 -12.25 24.03 -19.67
C GLU A 112 -12.78 25.23 -20.47
N ALA A 113 -13.90 25.03 -21.18
CA ALA A 113 -14.39 25.98 -22.13
C ALA A 113 -15.21 27.06 -21.42
N PRO A 114 -15.21 28.30 -21.96
CA PRO A 114 -14.38 28.73 -23.09
C PRO A 114 -13.12 29.45 -22.63
N TRP A 115 -12.85 29.43 -21.33
CA TRP A 115 -11.73 30.21 -20.79
C TRP A 115 -10.39 29.53 -21.02
N GLY A 116 -10.41 28.20 -21.13
CA GLY A 116 -9.18 27.39 -21.18
C GLY A 116 -8.56 27.20 -22.55
N SER A 117 -7.24 26.93 -22.57
CA SER A 117 -6.50 26.86 -23.84
C SER A 117 -6.54 25.52 -24.60
N TYR A 118 -7.21 24.51 -24.04
CA TYR A 118 -7.16 23.16 -24.62
C TYR A 118 -8.48 22.35 -24.42
N PRO A 119 -8.85 21.45 -25.37
CA PRO A 119 -10.15 20.75 -25.20
C PRO A 119 -10.39 19.96 -23.91
N ILE A 120 -9.33 19.53 -23.25
CA ILE A 120 -9.47 18.90 -21.94
C ILE A 120 -8.42 19.45 -20.99
N ASN A 121 -8.72 19.35 -19.69
CA ASN A 121 -7.76 19.71 -18.64
C ASN A 121 -7.54 18.45 -17.80
N THR A 122 -6.33 17.88 -17.87
CA THR A 122 -6.07 16.62 -17.15
C THR A 122 -5.60 16.81 -15.71
N GLY A 123 -5.78 18.02 -15.16
CA GLY A 123 -5.55 18.29 -13.73
C GLY A 123 -6.37 17.38 -12.79
N VAL A 124 -7.48 16.90 -13.32
CA VAL A 124 -8.34 15.90 -12.68
C VAL A 124 -8.64 14.89 -13.78
N LYS A 125 -8.26 13.65 -13.57
CA LYS A 125 -8.35 12.65 -14.61
C LYS A 125 -8.69 11.29 -14.01
N PHE A 126 -9.84 10.73 -14.41
CA PHE A 126 -10.20 9.38 -13.97
C PHE A 126 -9.69 8.35 -15.00
N VAL A 127 -8.94 7.35 -14.54
CA VAL A 127 -8.37 6.30 -15.37
C VAL A 127 -8.80 4.92 -14.84
N HIS A 128 -9.50 4.14 -15.66
CA HIS A 128 -9.89 2.79 -15.27
C HIS A 128 -8.65 1.91 -15.18
N LYS A 129 -8.69 0.88 -14.35
CA LYS A 129 -7.55 -0.02 -14.20
C LYS A 129 -7.16 -0.64 -15.55
N ASP A 130 -8.14 -0.82 -16.44
CA ASP A 130 -7.89 -1.42 -17.75
C ASP A 130 -7.14 -0.50 -18.71
N ALA A 131 -6.99 0.75 -18.30
CA ALA A 131 -6.17 1.67 -19.05
C ALA A 131 -4.77 1.85 -18.48
N LEU A 132 -4.34 1.00 -17.55
CA LEU A 132 -2.99 1.17 -17.00
C LEU A 132 -1.89 1.01 -18.07
N GLU A 133 -2.05 0.06 -18.97
CA GLU A 133 -1.05 -0.16 -20.04
C GLU A 133 -1.05 0.99 -21.02
N ILE A 134 -2.19 1.69 -21.10
CA ILE A 134 -2.28 2.86 -21.95
C ILE A 134 -1.48 3.99 -21.33
N GLU A 135 -1.61 4.17 -20.01
CA GLU A 135 -0.78 5.18 -19.29
C GLU A 135 0.71 4.87 -19.37
N LYS A 136 1.05 3.59 -19.38
CA LYS A 136 2.43 3.21 -19.67
C LYS A 136 2.93 3.76 -21.03
N ILE A 137 2.11 3.62 -22.07
CA ILE A 137 2.42 4.18 -23.40
C ILE A 137 2.55 5.71 -23.41
N VAL A 138 1.62 6.41 -22.75
CA VAL A 138 1.71 7.88 -22.58
C VAL A 138 3.05 8.24 -21.94
N TRP A 139 3.41 7.58 -20.83
CA TRP A 139 4.72 7.85 -20.21
C TRP A 139 5.85 7.66 -21.23
N SER A 140 5.78 6.59 -22.02
CA SER A 140 6.83 6.27 -23.01
C SER A 140 6.97 7.29 -24.13
N LEU A 141 5.92 8.08 -24.36
CA LEU A 141 5.92 9.10 -25.43
C LEU A 141 6.51 10.45 -24.99
N ARG A 142 7.00 10.51 -23.76
CA ARG A 142 7.33 11.80 -23.15
C ARG A 142 8.43 12.58 -23.90
N ASN A 143 9.30 11.87 -24.59
CA ASN A 143 10.42 12.45 -25.34
C ASN A 143 10.28 12.29 -26.85
N GLU A 144 9.05 12.17 -27.32
CA GLU A 144 8.76 11.93 -28.72
C GLU A 144 7.97 13.12 -29.25
N ALA A 145 8.43 13.72 -30.34
CA ALA A 145 7.65 14.78 -30.98
C ALA A 145 6.45 14.12 -31.62
N PRO A 146 5.28 14.80 -31.61
CA PRO A 146 5.00 16.12 -31.05
C PRO A 146 4.58 16.07 -29.57
N TRP A 147 4.58 14.88 -28.98
CA TRP A 147 4.10 14.67 -27.60
C TRP A 147 4.93 15.41 -26.53
N ASN A 148 6.20 15.67 -26.82
CA ASN A 148 7.04 16.44 -25.90
C ASN A 148 6.84 17.97 -25.98
N THR A 149 5.83 18.39 -26.73
CA THR A 149 5.49 19.80 -26.82
C THR A 149 4.25 20.06 -25.98
N PHE A 150 4.11 21.30 -25.51
CA PHE A 150 3.01 21.72 -24.66
C PHE A 150 1.69 21.46 -25.38
N PRO A 151 0.65 21.00 -24.66
CA PRO A 151 0.56 20.71 -23.23
C PRO A 151 0.86 19.24 -22.81
N TYR A 152 1.74 18.55 -23.52
CA TYR A 152 2.40 17.36 -22.99
C TYR A 152 1.45 16.18 -22.80
N GLU A 153 1.37 15.67 -21.57
CA GLU A 153 0.53 14.50 -21.30
C GLU A 153 -0.93 14.79 -21.68
N GLN A 154 -1.37 16.03 -21.49
CA GLN A 154 -2.75 16.40 -21.78
C GLN A 154 -3.04 16.30 -23.29
N LYS A 155 -2.07 16.71 -24.11
CA LYS A 155 -2.10 16.58 -25.58
C LYS A 155 -2.03 15.10 -26.00
N THR A 156 -1.17 14.35 -25.36
CA THR A 156 -0.99 12.93 -25.63
C THR A 156 -2.29 12.16 -25.35
N VAL A 157 -2.95 12.42 -24.22
CA VAL A 157 -4.24 11.76 -23.94
C VAL A 157 -5.25 12.15 -25.00
N TYR A 158 -5.36 13.45 -25.32
CA TYR A 158 -6.44 13.90 -26.23
C TYR A 158 -6.22 13.50 -27.72
N GLU A 159 -4.96 13.57 -28.15
CA GLU A 159 -4.61 13.46 -29.56
C GLU A 159 -4.00 12.10 -29.94
N TYR A 160 -3.39 11.38 -28.99
CA TYR A 160 -2.82 10.06 -29.26
C TYR A 160 -3.74 8.94 -28.76
N VAL A 161 -4.19 9.07 -27.51
CA VAL A 161 -5.00 7.99 -26.86
C VAL A 161 -6.41 7.98 -27.38
N PHE A 162 -7.10 9.11 -27.28
CA PHE A 162 -8.55 9.16 -27.59
C PHE A 162 -8.92 8.66 -28.99
N PRO A 163 -8.14 9.05 -30.03
CA PRO A 163 -8.48 8.51 -31.39
C PRO A 163 -8.46 6.99 -31.48
N ARG A 164 -7.65 6.35 -30.66
CA ARG A 164 -7.54 4.91 -30.66
C ARG A 164 -8.60 4.19 -29.83
N ILE A 165 -9.32 4.92 -28.96
CA ILE A 165 -10.35 4.32 -28.09
C ILE A 165 -11.76 4.93 -28.31
N PRO A 166 -12.31 4.80 -29.53
CA PRO A 166 -13.58 5.46 -29.76
C PRO A 166 -14.67 4.90 -28.84
N GLY A 167 -15.44 5.80 -28.25
CA GLY A 167 -16.56 5.44 -27.36
C GLY A 167 -16.12 5.09 -25.95
N ARG A 168 -14.82 5.09 -25.69
CA ARG A 168 -14.30 4.65 -24.39
C ARG A 168 -13.84 5.78 -23.48
N TYR A 169 -14.29 7.00 -23.75
CA TYR A 169 -13.95 8.14 -22.91
C TYR A 169 -15.11 9.12 -22.92
N ILE A 170 -15.22 9.91 -21.87
CA ILE A 170 -16.21 10.97 -21.81
C ILE A 170 -15.50 12.25 -21.40
N VAL A 171 -15.80 13.31 -22.12
CA VAL A 171 -15.35 14.65 -21.75
C VAL A 171 -16.54 15.35 -21.08
N HIS A 172 -16.41 15.59 -19.79
CA HIS A 172 -17.48 16.16 -18.92
C HIS A 172 -17.36 17.66 -18.79
N ASP A 173 -18.45 18.34 -18.40
CA ASP A 173 -18.37 19.72 -17.90
C ASP A 173 -17.51 19.75 -16.62
N PRO A 174 -16.71 20.81 -16.43
CA PRO A 174 -15.75 20.88 -15.30
C PRO A 174 -16.32 21.47 -13.98
N TYR A 175 -17.58 21.90 -13.97
CA TYR A 175 -18.04 22.82 -12.92
C TYR A 175 -17.92 22.28 -11.52
N THR A 176 -18.12 20.98 -11.38
CA THR A 176 -18.00 20.35 -10.06
C THR A 176 -16.72 19.60 -9.82
N LEU A 177 -16.14 19.00 -10.87
CA LEU A 177 -15.02 18.06 -10.69
C LEU A 177 -13.67 18.57 -11.14
N ASN A 178 -13.66 19.68 -11.86
CA ASN A 178 -12.38 20.31 -12.24
C ASN A 178 -12.58 21.81 -12.35
N CYS A 179 -12.98 22.40 -11.23
CA CYS A 179 -13.49 23.76 -11.22
C CYS A 179 -12.35 24.74 -11.05
N ILE A 180 -11.83 25.22 -12.18
CA ILE A 180 -10.75 26.21 -12.19
C ILE A 180 -11.24 27.49 -11.51
N VAL A 181 -10.54 27.87 -10.44
CA VAL A 181 -11.05 28.96 -9.60
C VAL A 181 -11.22 30.30 -10.32
N LYS A 182 -10.21 30.71 -11.11
CA LYS A 182 -10.26 32.03 -11.77
C LYS A 182 -11.28 32.05 -12.89
N ALA A 183 -11.44 30.90 -13.55
CA ALA A 183 -12.35 30.78 -14.70
C ALA A 183 -13.82 30.65 -14.31
N TYR A 184 -14.11 29.89 -13.26
CA TYR A 184 -15.49 29.65 -12.86
C TYR A 184 -15.82 30.11 -11.44
N PRO A 185 -15.62 31.40 -11.13
CA PRO A 185 -15.78 31.80 -9.73
C PRO A 185 -17.21 31.59 -9.19
N GLU A 186 -18.21 31.69 -10.06
CA GLU A 186 -19.61 31.39 -9.77
C GLU A 186 -19.96 29.88 -9.50
N HIS A 187 -19.01 28.98 -9.73
CA HIS A 187 -19.22 27.55 -9.53
C HIS A 187 -18.41 27.02 -8.35
N VAL A 188 -17.44 27.79 -7.87
CA VAL A 188 -16.50 27.29 -6.88
C VAL A 188 -17.19 26.79 -5.61
N LYS A 189 -18.17 27.56 -5.11
CA LYS A 189 -18.90 27.20 -3.89
C LYS A 189 -19.50 25.78 -3.90
N ASP A 190 -20.03 25.34 -5.05
CA ASP A 190 -20.72 24.06 -5.15
C ASP A 190 -19.87 22.94 -5.70
N ALA A 191 -18.60 23.22 -5.96
CA ALA A 191 -17.72 22.24 -6.56
C ALA A 191 -17.28 21.19 -5.55
N LEU A 192 -16.88 20.00 -6.04
CA LEU A 192 -16.12 19.07 -5.24
C LEU A 192 -14.61 19.32 -5.33
N PHE A 193 -14.07 19.28 -6.56
CA PHE A 193 -12.64 19.52 -6.75
C PHE A 193 -12.39 20.92 -7.31
N VAL A 194 -11.59 21.71 -6.59
CA VAL A 194 -11.28 23.08 -6.98
C VAL A 194 -9.84 23.13 -7.47
N HIS A 195 -9.65 23.67 -8.66
CA HIS A 195 -8.36 23.64 -9.34
C HIS A 195 -7.81 25.04 -9.35
N MET A 196 -6.67 25.23 -8.70
CA MET A 196 -6.05 26.54 -8.66
C MET A 196 -5.11 26.70 -9.83
N CYS A 197 -5.64 26.41 -11.02
CA CYS A 197 -4.94 26.58 -12.30
C CYS A 197 -4.92 28.07 -12.74
N GLY A 198 -3.73 28.56 -13.03
CA GLY A 198 -3.56 29.96 -13.44
C GLY A 198 -2.61 30.67 -12.48
N SER A 200 0.61 30.03 -9.50
CA SER A 200 1.33 31.06 -8.74
C SER A 200 1.31 30.75 -7.26
N ARG A 201 2.48 30.37 -6.72
CA ARG A 201 2.63 29.81 -5.37
C ARG A 201 2.07 30.68 -4.24
N ALA A 202 2.44 31.96 -4.23
CA ALA A 202 1.94 32.88 -3.21
C ALA A 202 0.43 33.00 -3.30
N GLU A 203 -0.09 33.08 -4.52
CA GLU A 203 -1.54 33.11 -4.78
C GLU A 203 -2.23 31.87 -4.23
N ARG A 204 -1.61 30.72 -4.47
CA ARG A 204 -2.14 29.42 -4.01
C ARG A 204 -2.11 29.25 -2.50
N ASP A 205 -0.98 29.61 -1.87
CA ASP A 205 -0.88 29.57 -0.41
C ASP A 205 -1.95 30.47 0.24
N GLU A 206 -2.10 31.67 -0.32
CA GLU A 206 -3.10 32.62 0.15
C GLU A 206 -4.50 32.02 0.05
N HIS A 207 -4.76 31.34 -1.06
CA HIS A 207 -6.04 30.67 -1.27
C HIS A 207 -6.23 29.54 -0.23
N MET A 208 -5.19 28.72 -0.08
CA MET A 208 -5.20 27.65 0.92
C MET A 208 -5.11 28.21 2.34
N PRO B 6 -4.69 -1.46 4.64
CA PRO B 6 -3.61 -0.77 5.32
C PRO B 6 -2.25 -0.99 4.63
N CYS B 7 -1.30 -0.11 4.86
CA CYS B 7 0.00 -0.33 4.27
C CYS B 7 0.73 -1.42 5.06
N ILE B 8 0.97 -2.55 4.40
CA ILE B 8 1.56 -3.71 5.07
C ILE B 8 2.97 -4.02 4.56
N THR B 9 3.91 -4.22 5.50
CA THR B 9 5.23 -4.77 5.21
C THR B 9 5.32 -6.13 5.85
N ILE B 10 5.59 -7.13 5.02
CA ILE B 10 5.83 -8.51 5.47
C ILE B 10 7.35 -8.65 5.55
N LEU B 11 7.84 -9.18 6.67
CA LEU B 11 9.28 -9.31 6.86
C LEU B 11 9.64 -10.74 7.25
N SER B 12 10.85 -11.16 6.89
CA SER B 12 11.37 -12.50 7.28
C SER B 12 12.90 -12.50 7.29
N GLY B 13 13.48 -13.66 7.61
CA GLY B 13 14.91 -13.80 7.64
C GLY B 13 15.27 -15.20 8.12
N HIS B 14 16.45 -15.66 7.73
CA HIS B 14 16.92 -16.94 8.20
C HIS B 14 18.41 -17.00 8.05
N PHE B 15 19.05 -17.47 9.10
CA PHE B 15 20.46 -17.77 9.06
C PHE B 15 20.65 -19.28 9.29
N PRO B 16 21.42 -19.94 8.40
CA PRO B 16 22.12 -19.33 7.27
C PRO B 16 21.22 -19.19 6.03
N LYS B 17 21.66 -18.36 5.09
CA LYS B 17 20.95 -18.10 3.83
C LYS B 17 20.84 -19.33 2.91
N GLU B 18 21.83 -20.22 2.99
CA GLU B 18 21.91 -21.41 2.14
C GLU B 18 20.80 -22.46 2.35
N THR B 19 20.11 -22.41 3.48
CA THR B 19 19.03 -23.37 3.79
C THR B 19 17.93 -23.43 2.72
N ILE B 20 17.71 -24.61 2.16
CA ILE B 20 16.86 -24.76 0.98
C ILE B 20 15.40 -24.34 1.19
N TYR B 21 14.76 -24.85 2.24
CA TYR B 21 13.33 -24.58 2.46
C TYR B 21 13.06 -23.10 2.66
N ALA B 22 14.03 -22.41 3.28
CA ALA B 22 13.89 -20.99 3.60
C ALA B 22 13.93 -20.12 2.37
N ARG B 23 14.70 -20.54 1.37
CA ARG B 23 14.75 -19.84 0.08
C ARG B 23 13.45 -20.06 -0.68
N LYS B 24 12.86 -21.24 -0.52
CA LYS B 24 11.59 -21.58 -1.14
C LYS B 24 10.43 -20.81 -0.50
N THR B 25 10.43 -20.72 0.83
CA THR B 25 9.40 -19.92 1.53
C THR B 25 9.56 -18.42 1.22
N LYS B 26 10.82 -17.94 1.17
CA LYS B 26 11.08 -16.53 0.83
C LYS B 26 10.43 -16.16 -0.51
N GLU B 27 10.68 -16.99 -1.51
CA GLU B 27 10.17 -16.81 -2.87
C GLU B 27 8.66 -16.71 -2.90
N LEU B 28 7.98 -17.57 -2.13
CA LEU B 28 6.53 -17.59 -2.10
C LEU B 28 5.95 -16.36 -1.41
N VAL B 29 6.58 -15.89 -0.34
CA VAL B 29 6.14 -14.66 0.33
C VAL B 29 6.39 -13.42 -0.56
N GLU B 30 7.53 -13.38 -1.26
CA GLU B 30 7.83 -12.27 -2.17
C GLU B 30 6.75 -12.18 -3.26
N GLU B 31 6.45 -13.32 -3.88
CA GLU B 31 5.40 -13.42 -4.90
C GLU B 31 4.07 -12.94 -4.33
N TYR B 32 3.70 -13.45 -3.15
CA TYR B 32 2.49 -13.01 -2.46
C TYR B 32 2.45 -11.49 -2.28
N CYS B 33 3.57 -10.93 -1.81
CA CYS B 33 3.70 -9.49 -1.63
C CYS B 33 3.41 -8.72 -2.93
N SER B 34 3.97 -9.22 -4.06
CA SER B 34 3.85 -8.55 -5.37
C SER B 34 2.42 -8.54 -5.89
N ILE B 35 1.66 -9.56 -5.51
CA ILE B 35 0.26 -9.67 -5.93
C ILE B 35 -0.60 -8.59 -5.23
N HIS B 36 -0.36 -8.38 -3.93
CA HIS B 36 -1.26 -7.54 -3.13
C HIS B 36 -0.76 -6.14 -2.81
N GLY B 37 0.43 -5.81 -3.28
CA GLY B 37 0.98 -4.47 -3.08
C GLY B 37 1.73 -4.35 -1.76
N TYR B 38 1.94 -5.46 -1.08
CA TYR B 38 2.67 -5.44 0.21
C TYR B 38 4.16 -5.22 0.01
N ASN B 39 4.79 -4.50 0.95
CA ASN B 39 6.23 -4.36 0.97
C ASN B 39 6.83 -5.64 1.50
N PHE B 40 7.94 -6.06 0.90
CA PHE B 40 8.62 -7.25 1.36
C PHE B 40 10.04 -6.91 1.81
N TYR B 41 10.32 -7.18 3.08
CA TYR B 41 11.68 -7.01 3.61
C TYR B 41 12.22 -8.36 4.04
N TYR B 42 13.29 -8.82 3.40
CA TYR B 42 13.93 -10.06 3.83
C TYR B 42 15.34 -9.70 4.26
N GLU B 43 15.70 -10.09 5.48
CA GLU B 43 16.98 -9.70 6.04
C GLU B 43 18.14 -10.32 5.28
N GLU B 44 18.98 -9.45 4.74
CA GLU B 44 20.10 -9.88 3.90
C GLU B 44 21.43 -10.02 4.67
N SER B 45 21.59 -9.28 5.76
CA SER B 45 22.84 -9.37 6.54
C SER B 45 22.92 -10.65 7.37
N GLU B 46 24.15 -11.10 7.62
CA GLU B 46 24.44 -12.18 8.56
C GLU B 46 24.46 -11.63 9.98
N PRO B 47 23.81 -12.33 10.94
CA PRO B 47 23.78 -11.88 12.31
C PRO B 47 25.14 -12.08 12.94
N LEU B 48 25.54 -11.16 13.81
CA LEU B 48 26.76 -11.30 14.59
C LEU B 48 26.52 -12.32 15.70
N GLU B 49 25.29 -12.33 16.21
CA GLU B 49 24.88 -13.20 17.29
C GLU B 49 24.23 -14.47 16.72
N THR B 50 24.97 -15.58 16.77
CA THR B 50 24.54 -16.80 16.07
C THR B 50 23.97 -17.92 16.98
N GLU B 51 23.98 -17.73 18.30
CA GLU B 51 23.36 -18.72 19.20
C GLU B 51 21.86 -18.87 18.92
N GLU B 52 21.33 -20.06 19.16
CA GLU B 52 19.89 -20.34 18.87
C GLU B 52 18.91 -19.26 19.38
N HIS B 53 19.05 -18.84 20.63
CA HIS B 53 18.08 -17.88 21.19
C HIS B 53 18.19 -16.54 20.46
N ALA B 54 19.42 -16.15 20.08
CA ALA B 54 19.62 -14.89 19.37
C ALA B 54 18.96 -14.91 17.98
N LEU B 55 19.00 -16.07 17.32
CA LEU B 55 18.35 -16.22 16.02
C LEU B 55 16.84 -16.14 16.11
N HIS B 56 16.25 -16.67 17.20
CA HIS B 56 14.78 -16.65 17.39
C HIS B 56 14.34 -15.24 17.76
N PHE B 57 15.20 -14.54 18.50
CA PHE B 57 14.91 -13.14 18.88
C PHE B 57 15.09 -12.17 17.71
N ARG B 58 15.81 -12.59 16.68
CA ARG B 58 16.32 -11.62 15.70
C ARG B 58 15.22 -10.88 14.94
N ARG B 59 14.04 -11.50 14.86
CA ARG B 59 12.88 -10.85 14.25
C ARG B 59 12.56 -9.51 14.88
N SER B 60 12.95 -9.33 16.14
CA SER B 60 12.64 -8.06 16.82
C SER B 60 13.68 -6.98 16.49
N TRP B 61 14.83 -7.38 15.95
CA TRP B 61 15.82 -6.45 15.35
C TRP B 61 15.58 -6.19 13.85
N ILE B 62 15.12 -7.22 13.15
CA ILE B 62 14.87 -7.17 11.71
C ILE B 62 13.75 -6.22 11.40
N ILE B 63 12.75 -6.18 12.28
CA ILE B 63 11.62 -5.24 12.14
C ILE B 63 12.03 -3.78 12.08
N GLN B 64 13.08 -3.42 12.82
CA GLN B 64 13.62 -2.05 12.72
C GLN B 64 14.22 -1.76 11.34
N GLN B 65 14.87 -2.77 10.77
CA GLN B 65 15.49 -2.69 9.46
C GLN B 65 14.42 -2.54 8.39
N ALA B 66 13.28 -3.21 8.59
CA ALA B 66 12.12 -3.16 7.71
C ALA B 66 11.45 -1.79 7.80
N ALA B 67 11.37 -1.27 9.03
CA ALA B 67 10.79 0.04 9.28
C ALA B 67 11.56 1.11 8.51
N GLU B 68 12.89 1.16 8.64
CA GLU B 68 13.72 2.14 7.93
C GLU B 68 13.65 2.03 6.40
N LYS B 69 13.57 0.80 5.88
CA LYS B 69 13.39 0.60 4.44
C LYS B 69 11.99 1.05 4.00
N PHE B 70 11.01 0.81 4.85
CA PHE B 70 9.60 1.05 4.51
C PHE B 70 8.88 1.85 5.59
N PRO B 71 9.22 3.15 5.70
CA PRO B 71 8.70 3.95 6.79
C PRO B 71 7.24 4.39 6.54
N SER B 72 6.72 4.07 5.36
CA SER B 72 5.32 4.31 5.08
C SER B 72 4.39 3.19 5.61
N THR B 73 4.96 2.24 6.36
CA THR B 73 4.24 1.02 6.81
C THR B 73 3.26 1.31 7.95
N GLU B 74 2.10 0.66 7.92
CA GLU B 74 1.14 0.73 9.03
C GLU B 74 1.20 -0.55 9.88
N TRP B 75 1.21 -1.70 9.22
CA TRP B 75 1.27 -2.99 9.90
C TRP B 75 2.48 -3.77 9.44
N PHE B 76 3.34 -4.14 10.38
CA PHE B 76 4.40 -5.08 10.07
C PHE B 76 3.87 -6.47 10.32
N LEU B 77 4.24 -7.41 9.45
CA LEU B 77 3.91 -8.80 9.65
C LEU B 77 5.17 -9.65 9.60
N TRP B 78 5.55 -10.23 10.74
CA TRP B 78 6.62 -11.21 10.75
C TRP B 78 6.11 -12.56 10.32
N LEU B 79 6.81 -13.16 9.37
CA LEU B 79 6.61 -14.56 9.03
C LEU B 79 7.92 -15.33 9.27
N ASP B 80 7.84 -16.43 10.02
CA ASP B 80 8.98 -17.32 10.24
C ASP B 80 9.41 -17.86 8.88
N SER B 81 10.68 -18.22 8.79
CA SER B 81 11.24 -18.75 7.57
C SER B 81 10.67 -20.13 7.23
N ASP B 82 9.98 -20.78 8.18
CA ASP B 82 9.28 -22.05 7.87
C ASP B 82 7.75 -21.90 7.72
N VAL B 83 7.32 -20.70 7.36
CA VAL B 83 5.94 -20.35 7.03
C VAL B 83 5.90 -19.97 5.56
N TYR B 84 4.89 -20.42 4.83
CA TYR B 84 4.78 -20.01 3.46
C TYR B 84 3.33 -19.74 3.14
N VAL B 85 3.13 -19.17 1.96
CA VAL B 85 1.81 -18.81 1.52
C VAL B 85 1.26 -19.99 0.74
N ASN B 86 0.04 -20.40 1.11
CA ASN B 86 -0.68 -21.49 0.47
C ASN B 86 -1.01 -21.09 -0.98
N PRO B 87 -0.43 -21.82 -1.96
CA PRO B 87 -0.56 -21.53 -3.38
C PRO B 87 -2.01 -21.35 -3.78
N LYS B 88 -2.87 -22.24 -3.31
CA LYS B 88 -4.31 -22.17 -3.57
C LYS B 88 -4.89 -20.78 -3.28
N ASN B 89 -4.43 -20.16 -2.20
CA ASN B 89 -5.00 -18.89 -1.76
C ASN B 89 -4.13 -17.66 -1.91
N LYS B 90 -3.13 -17.70 -2.78
CA LYS B 90 -2.21 -16.56 -2.93
C LYS B 90 -2.88 -15.31 -3.48
N ASN B 91 -4.01 -15.48 -4.15
CA ASN B 91 -4.76 -14.34 -4.67
C ASN B 91 -5.68 -13.68 -3.63
N LYS B 92 -5.69 -14.22 -2.40
CA LYS B 92 -6.50 -13.63 -1.34
C LYS B 92 -5.67 -12.69 -0.47
N PRO B 93 -6.17 -11.47 -0.23
CA PRO B 93 -5.47 -10.52 0.63
C PRO B 93 -5.58 -10.86 2.12
N ILE B 94 -4.59 -10.42 2.89
CA ILE B 94 -4.58 -10.58 4.36
C ILE B 94 -5.89 -10.14 5.04
N THR B 95 -6.37 -8.95 4.67
CA THR B 95 -7.62 -8.38 5.24
C THR B 95 -8.93 -9.12 4.95
N SER B 96 -8.89 -10.16 4.10
CA SER B 96 -10.06 -11.01 3.94
C SER B 96 -10.05 -12.08 5.02
N PHE B 97 -8.90 -12.24 5.66
CA PHE B 97 -8.74 -13.22 6.73
C PHE B 97 -8.76 -12.56 8.11
N ILE B 98 -8.39 -11.28 8.19
CA ILE B 98 -8.25 -10.61 9.48
C ILE B 98 -8.68 -9.15 9.43
N ASP B 99 -9.38 -8.74 10.49
CA ASP B 99 -9.78 -7.35 10.65
C ASP B 99 -8.69 -6.53 11.34
N LEU B 100 -7.99 -5.68 10.60
CA LEU B 100 -6.96 -4.80 11.18
C LEU B 100 -7.41 -3.34 11.36
N SER B 101 -8.72 -3.10 11.38
CA SER B 101 -9.29 -1.74 11.40
C SER B 101 -9.10 -0.99 12.73
N ASP B 102 -9.04 -1.74 13.83
CA ASP B 102 -8.89 -1.15 15.17
C ASP B 102 -7.55 -0.43 15.31
N PRO B 103 -7.60 0.90 15.58
CA PRO B 103 -6.38 1.67 15.71
C PRO B 103 -5.72 1.51 17.09
N ASN B 104 -6.42 0.90 18.05
CA ASN B 104 -5.85 0.72 19.39
C ASN B 104 -4.87 -0.47 19.48
N ILE B 105 -5.13 -1.51 18.68
CA ILE B 105 -4.36 -2.73 18.78
C ILE B 105 -2.89 -2.56 18.32
N LEU B 106 -1.98 -3.04 19.17
CA LEU B 106 -0.54 -3.09 18.86
C LEU B 106 -0.08 -4.42 18.27
N TYR B 107 -0.70 -5.53 18.70
CA TYR B 107 -0.31 -6.90 18.29
C TYR B 107 -1.50 -7.77 17.95
N HIS B 108 -1.42 -8.51 16.85
CA HIS B 108 -2.38 -9.56 16.54
C HIS B 108 -1.57 -10.85 16.53
N THR B 109 -1.99 -11.79 17.37
CA THR B 109 -1.25 -13.05 17.54
C THR B 109 -2.22 -14.19 17.43
N PHE B 110 -1.70 -15.41 17.50
CA PHE B 110 -2.44 -16.65 17.28
C PHE B 110 -2.06 -17.71 18.30
N HIS B 111 -3.08 -18.44 18.78
CA HIS B 111 -2.87 -19.57 19.67
C HIS B 111 -2.42 -20.79 18.84
N GLU B 112 -2.04 -21.87 19.51
CA GLU B 112 -1.72 -23.16 18.85
C GLU B 112 -2.38 -24.30 19.64
N ALA B 113 -3.57 -24.04 20.18
CA ALA B 113 -4.28 -24.99 21.05
C ALA B 113 -5.09 -26.01 20.26
N PRO B 114 -5.28 -27.23 20.82
CA PRO B 114 -4.67 -27.65 22.08
C PRO B 114 -3.33 -28.37 21.92
N TRP B 115 -2.86 -28.52 20.68
CA TRP B 115 -1.71 -29.38 20.36
C TRP B 115 -0.35 -28.76 20.71
N GLY B 116 -0.29 -27.42 20.79
CA GLY B 116 0.96 -26.70 21.08
C GLY B 116 1.34 -26.43 22.53
N SER B 117 2.63 -26.21 22.78
CA SER B 117 3.19 -26.16 24.14
C SER B 117 3.12 -24.77 24.83
N TYR B 118 2.51 -23.78 24.16
CA TYR B 118 2.56 -22.38 24.58
C TYR B 118 1.30 -21.57 24.17
N PRO B 119 0.85 -20.61 25.00
CA PRO B 119 -0.38 -19.90 24.67
C PRO B 119 -0.44 -19.11 23.36
N ILE B 120 0.70 -18.63 22.86
CA ILE B 120 0.78 -18.00 21.53
C ILE B 120 1.91 -18.59 20.66
N ASN B 121 1.77 -18.44 19.35
CA ASN B 121 2.81 -18.84 18.39
C ASN B 121 3.20 -17.60 17.59
N THR B 122 4.37 -17.03 17.85
CA THR B 122 4.77 -15.78 17.17
C THR B 122 5.44 -15.96 15.79
N GLY B 123 5.35 -17.18 15.26
CA GLY B 123 5.81 -17.49 13.91
C GLY B 123 5.01 -16.74 12.86
N VAL B 124 3.80 -16.32 13.22
CA VAL B 124 3.06 -15.34 12.43
C VAL B 124 2.64 -14.23 13.40
N LYS B 125 3.14 -13.02 13.18
CA LYS B 125 2.95 -11.97 14.20
C LYS B 125 2.77 -10.61 13.54
N PHE B 126 1.58 -10.02 13.72
CA PHE B 126 1.32 -8.65 13.29
C PHE B 126 1.72 -7.65 14.36
N VAL B 127 2.49 -6.65 13.95
CA VAL B 127 3.03 -5.64 14.84
C VAL B 127 2.71 -4.26 14.25
N HIS B 128 1.96 -3.44 15.00
CA HIS B 128 1.66 -2.06 14.60
C HIS B 128 2.92 -1.21 14.62
N LYS B 129 3.01 -0.24 13.69
CA LYS B 129 4.14 0.70 13.67
C LYS B 129 4.40 1.30 15.05
N ASP B 130 3.35 1.44 15.86
CA ASP B 130 3.45 2.08 17.18
C ASP B 130 4.08 1.17 18.24
N ALA B 131 4.33 -0.09 17.88
CA ALA B 131 4.95 -1.04 18.77
C ALA B 131 6.41 -1.26 18.40
N LEU B 132 6.93 -0.44 17.49
CA LEU B 132 8.32 -0.58 17.07
C LEU B 132 9.31 -0.41 18.23
N GLU B 133 9.04 0.55 19.12
CA GLU B 133 9.86 0.73 20.32
C GLU B 133 9.69 -0.41 21.33
N ILE B 134 8.52 -1.06 21.33
CA ILE B 134 8.31 -2.25 22.15
C ILE B 134 9.18 -3.39 21.63
N GLU B 135 9.13 -3.64 20.33
CA GLU B 135 10.01 -4.66 19.72
C GLU B 135 11.50 -4.36 19.99
N LYS B 136 11.87 -3.08 20.01
CA LYS B 136 13.25 -2.74 20.39
C LYS B 136 13.60 -3.34 21.74
N ILE B 137 12.67 -3.21 22.68
CA ILE B 137 12.86 -3.67 24.04
C ILE B 137 12.92 -5.19 24.10
N VAL B 138 12.03 -5.85 23.35
CA VAL B 138 12.05 -7.30 23.21
C VAL B 138 13.46 -7.74 22.76
N TRP B 139 14.04 -7.06 21.78
CA TRP B 139 15.38 -7.43 21.30
C TRP B 139 16.43 -7.25 22.41
N SER B 140 16.27 -6.17 23.18
CA SER B 140 17.22 -5.89 24.28
C SER B 140 17.10 -6.92 25.42
N LEU B 141 16.01 -7.68 25.48
CA LEU B 141 15.89 -8.67 26.55
C LEU B 141 16.53 -10.03 26.22
N ARG B 142 17.11 -10.17 25.02
CA ARG B 142 17.50 -11.51 24.49
C ARG B 142 18.53 -12.22 25.35
N ASN B 143 19.32 -11.46 26.10
CA ASN B 143 20.32 -12.04 27.00
C ASN B 143 19.99 -11.93 28.48
N GLU B 144 18.74 -11.64 28.79
CA GLU B 144 18.33 -11.41 30.16
C GLU B 144 17.41 -12.57 30.56
N ALA B 145 17.78 -13.31 31.61
CA ALA B 145 16.89 -14.35 32.16
C ALA B 145 15.65 -13.70 32.77
N PRO B 146 14.45 -14.32 32.61
CA PRO B 146 14.15 -15.61 31.99
C PRO B 146 13.88 -15.56 30.48
N TRP B 147 14.00 -14.37 29.88
CA TRP B 147 13.65 -14.18 28.47
C TRP B 147 14.60 -14.90 27.50
N ASN B 148 15.82 -15.18 27.92
CA ASN B 148 16.73 -15.88 27.04
C ASN B 148 16.47 -17.38 26.91
N THR B 149 15.43 -17.90 27.58
CA THR B 149 15.13 -19.33 27.53
C THR B 149 13.96 -19.60 26.60
N PHE B 150 13.85 -20.84 26.14
CA PHE B 150 12.82 -21.21 25.21
C PHE B 150 11.44 -20.91 25.82
N PRO B 151 10.47 -20.44 24.99
CA PRO B 151 10.55 -20.11 23.58
C PRO B 151 10.90 -18.66 23.21
N TYR B 152 11.78 -18.02 24.01
CA TYR B 152 12.51 -16.84 23.56
C TYR B 152 11.63 -15.60 23.34
N GLU B 153 11.71 -14.99 22.16
CA GLU B 153 10.87 -13.84 21.82
C GLU B 153 9.37 -14.19 21.99
N GLN B 154 9.01 -15.43 21.71
CA GLN B 154 7.60 -15.83 21.86
C GLN B 154 7.13 -15.67 23.31
N LYS B 155 7.96 -16.15 24.25
CA LYS B 155 7.72 -16.02 25.68
C LYS B 155 7.78 -14.57 26.16
N THR B 156 8.72 -13.81 25.59
CA THR B 156 8.87 -12.40 25.95
C THR B 156 7.66 -11.60 25.53
N VAL B 157 7.18 -11.84 24.32
CA VAL B 157 5.96 -11.12 23.90
C VAL B 157 4.79 -11.42 24.84
N TYR B 158 4.56 -12.72 25.11
CA TYR B 158 3.41 -13.13 25.90
C TYR B 158 3.52 -12.73 27.37
N GLU B 159 4.73 -12.83 27.93
CA GLU B 159 4.90 -12.77 29.38
C GLU B 159 5.49 -11.50 29.90
N TYR B 160 6.21 -10.77 29.03
CA TYR B 160 6.73 -9.44 29.36
C TYR B 160 5.89 -8.32 28.73
N VAL B 161 5.63 -8.41 27.43
CA VAL B 161 4.95 -7.33 26.72
C VAL B 161 3.45 -7.27 27.02
N PHE B 162 2.74 -8.39 26.85
CA PHE B 162 1.27 -8.42 26.97
C PHE B 162 0.73 -7.87 28.29
N PRO B 163 1.30 -8.30 29.46
CA PRO B 163 0.79 -7.70 30.71
C PRO B 163 0.95 -6.18 30.81
N ARG B 164 1.92 -5.59 30.12
CA ARG B 164 2.11 -4.12 30.11
C ARG B 164 1.24 -3.39 29.11
N ILE B 165 0.52 -4.13 28.26
CA ILE B 165 -0.35 -3.50 27.25
C ILE B 165 -1.80 -4.02 27.26
N PRO B 166 -2.48 -3.96 28.43
CA PRO B 166 -3.86 -4.48 28.44
C PRO B 166 -4.75 -3.79 27.41
N GLY B 167 -5.57 -4.59 26.73
CA GLY B 167 -6.50 -4.12 25.70
C GLY B 167 -5.89 -3.94 24.33
N ARG B 168 -4.57 -4.13 24.20
CA ARG B 168 -3.85 -3.74 22.97
C ARG B 168 -3.29 -4.90 22.18
N TYR B 169 -3.80 -6.09 22.44
CA TYR B 169 -3.46 -7.28 21.66
C TYR B 169 -4.69 -8.15 21.53
N ILE B 170 -4.76 -8.91 20.44
CA ILE B 170 -5.76 -9.95 20.27
C ILE B 170 -5.06 -11.23 19.86
N VAL B 171 -5.48 -12.33 20.48
CA VAL B 171 -4.99 -13.66 20.16
C VAL B 171 -6.11 -14.33 19.38
N HIS B 172 -5.81 -14.73 18.15
CA HIS B 172 -6.84 -15.29 17.25
C HIS B 172 -6.67 -16.81 17.07
N ASP B 173 -7.69 -17.45 16.52
CA ASP B 173 -7.53 -18.83 16.05
C ASP B 173 -6.53 -18.83 14.91
N PRO B 174 -5.71 -19.89 14.83
CA PRO B 174 -4.61 -19.92 13.85
C PRO B 174 -4.99 -20.60 12.52
N TYR B 175 -6.26 -20.94 12.34
CA TYR B 175 -6.61 -21.92 11.29
C TYR B 175 -6.27 -21.47 9.88
N THR B 176 -6.36 -20.17 9.64
CA THR B 176 -6.06 -19.63 8.32
C THR B 176 -4.72 -18.87 8.32
N LEU B 177 -4.35 -18.28 9.45
CA LEU B 177 -3.20 -17.36 9.44
C LEU B 177 -1.94 -17.86 10.15
N ASN B 178 -2.06 -18.95 10.91
CA ASN B 178 -0.88 -19.63 11.48
C ASN B 178 -1.19 -21.11 11.59
N CYS B 179 -1.43 -21.71 10.42
CA CYS B 179 -1.87 -23.09 10.34
C CYS B 179 -0.71 -24.05 10.37
N ILE B 180 -0.34 -24.49 11.57
CA ILE B 180 0.72 -25.48 11.74
C ILE B 180 0.30 -26.78 11.04
N VAL B 181 1.11 -27.18 10.07
CA VAL B 181 0.80 -28.26 9.13
C VAL B 181 0.36 -29.55 9.85
N LYS B 182 1.17 -30.01 10.80
CA LYS B 182 0.90 -31.31 11.42
C LYS B 182 -0.21 -31.24 12.47
N ALA B 183 -0.41 -30.08 13.07
CA ALA B 183 -1.40 -29.93 14.12
C ALA B 183 -2.80 -29.75 13.56
N TYR B 184 -2.92 -28.97 12.49
CA TYR B 184 -4.21 -28.69 11.88
C TYR B 184 -4.27 -29.17 10.43
N PRO B 185 -4.03 -30.46 10.24
CA PRO B 185 -3.96 -31.03 8.89
C PRO B 185 -5.22 -30.73 8.08
N GLU B 186 -6.34 -30.57 8.77
CA GLU B 186 -7.64 -30.49 8.10
C GLU B 186 -7.93 -29.06 7.64
N HIS B 187 -7.13 -28.11 8.13
CA HIS B 187 -7.35 -26.70 7.83
C HIS B 187 -6.38 -26.21 6.77
N VAL B 188 -5.36 -27.01 6.49
CA VAL B 188 -4.25 -26.58 5.61
C VAL B 188 -4.76 -26.15 4.23
N LYS B 189 -5.69 -26.91 3.67
CA LYS B 189 -6.32 -26.58 2.38
C LYS B 189 -6.95 -25.16 2.27
N ASP B 190 -7.51 -24.65 3.37
CA ASP B 190 -8.12 -23.31 3.37
C ASP B 190 -7.28 -22.20 4.00
N ALA B 191 -6.05 -22.53 4.40
CA ALA B 191 -5.17 -21.56 5.06
C ALA B 191 -4.51 -20.60 4.08
N LEU B 192 -4.21 -19.40 4.54
CA LEU B 192 -3.36 -18.45 3.82
C LEU B 192 -1.87 -18.72 4.15
N PHE B 193 -1.53 -18.66 5.44
CA PHE B 193 -0.18 -18.94 5.92
C PHE B 193 -0.05 -20.31 6.58
N VAL B 194 0.79 -21.16 5.99
CA VAL B 194 0.99 -22.53 6.46
C VAL B 194 2.37 -22.61 7.12
N HIS B 195 2.42 -23.22 8.30
CA HIS B 195 3.59 -23.19 9.18
C HIS B 195 4.12 -24.62 9.45
N MET B 196 5.39 -24.83 9.14
CA MET B 196 6.01 -26.15 9.29
C MET B 196 6.68 -26.25 10.66
N CYS B 197 6.01 -25.74 11.68
CA CYS B 197 6.51 -25.77 13.04
C CYS B 197 6.78 -27.21 13.52
N THR B 199 8.40 -30.15 12.64
CA THR B 199 9.21 -30.84 11.61
C THR B 199 10.67 -30.37 11.62
N SER B 200 11.58 -31.25 11.21
CA SER B 200 13.03 -30.95 11.14
C SER B 200 13.40 -30.21 9.85
N ARG B 201 14.62 -29.66 9.80
CA ARG B 201 15.12 -29.01 8.57
C ARG B 201 14.94 -29.88 7.33
N ALA B 202 15.35 -31.15 7.43
CA ALA B 202 15.25 -32.11 6.33
C ALA B 202 13.80 -32.33 5.91
N GLU B 203 12.92 -32.40 6.90
CA GLU B 203 11.48 -32.55 6.67
C GLU B 203 10.88 -31.31 6.00
N ARG B 204 11.38 -30.14 6.40
CA ARG B 204 10.97 -28.88 5.79
C ARG B 204 11.38 -28.81 4.33
N ASP B 205 12.63 -29.19 4.03
CA ASP B 205 13.09 -29.25 2.65
C ASP B 205 12.23 -30.22 1.84
N GLU B 206 11.92 -31.36 2.44
CA GLU B 206 11.10 -32.39 1.76
C GLU B 206 9.70 -31.83 1.50
N HIS B 207 9.16 -31.11 2.49
CA HIS B 207 7.83 -30.54 2.40
C HIS B 207 7.75 -29.50 1.32
N MET B 208 8.77 -28.65 1.25
CA MET B 208 8.79 -27.54 0.31
C MET B 208 8.93 -27.97 -1.15
N GLU B 209 9.30 -29.23 -1.38
CA GLU B 209 9.44 -29.76 -2.74
C GLU B 209 8.13 -29.98 -3.50
N MET B 210 7.00 -29.88 -2.79
CA MET B 210 5.69 -29.88 -3.43
C MET B 210 4.93 -28.58 -3.12
#